data_1MCN
#
_entry.id   1MCN
#
_cell.length_a   72.300
_cell.length_b   72.300
_cell.length_c   185.900
_cell.angle_alpha   90.00
_cell.angle_beta   90.00
_cell.angle_gamma   120.00
#
_symmetry.space_group_name_H-M   'P 31 2 1'
#
loop_
_entity.id
_entity.type
_entity.pdbx_description
1 polymer 'IMMUNOGLOBULIN LAMBDA DIMER MCG (LIGHT CHAIN)'
2 polymer 'PEPTIDE N-ACETYL-D-HIS-L-PRO-NH2'
#
loop_
_entity_poly.entity_id
_entity_poly.type
_entity_poly.pdbx_seq_one_letter_code
_entity_poly.pdbx_strand_id
1 'polypeptide(L)'
;PSALTQPPSASGSLGQSVTISCTGTSSDVGGYNYVSWYQQHAGKAPKVIIYEVNKRPSGVPDRFSGSKSGNTASLTVSGL
QAEDEADYYCSSYEGSDNFVFGTGTKVTVLGQPKANPTVTLFPPSSEELQANKATLVCLISDFYPGAVTVAWKADGSPVK
AGVETTKPSKQSNNKYAASSYLSLTPEQWKSHRSYSCQVTHEGSTVEKTVAPTECS
;
A,B
2 'polypeptide(L)' (ACE)(DHI)P(NH2) P
#
loop_
_chem_comp.id
_chem_comp.type
_chem_comp.name
_chem_comp.formula
ACE non-polymer 'ACETYL GROUP' 'C2 H4 O'
NH2 non-polymer 'AMINO GROUP' 'H2 N'
#
# COMPACT_ATOMS: atom_id res chain seq x y z
N PRO A 1 3.31 -1.45 -32.36
CA PRO A 1 2.06 -1.26 -31.60
C PRO A 1 2.36 -0.73 -30.22
N SER A 2 1.48 -1.03 -29.26
CA SER A 2 1.65 -0.53 -27.89
C SER A 2 0.53 -0.96 -26.95
N ALA A 3 -0.70 -0.77 -27.39
CA ALA A 3 -1.86 -0.79 -26.49
C ALA A 3 -2.96 -1.77 -26.85
N LEU A 4 -3.73 -2.10 -25.78
CA LEU A 4 -5.14 -2.56 -25.96
C LEU A 4 -5.93 -1.29 -25.51
N THR A 5 -7.22 -1.40 -25.52
CA THR A 5 -8.13 -0.27 -25.34
C THR A 5 -9.25 -0.58 -24.36
N GLN A 6 -9.32 0.30 -23.36
CA GLN A 6 -10.24 0.22 -22.23
C GLN A 6 -10.72 1.63 -21.85
N PRO A 7 -11.93 1.66 -21.29
CA PRO A 7 -12.49 2.87 -20.69
C PRO A 7 -11.92 3.17 -19.31
N PRO A 8 -11.81 4.48 -19.01
CA PRO A 8 -11.09 4.97 -17.83
C PRO A 8 -11.84 4.69 -16.55
N SER A 9 -13.13 4.41 -16.72
CA SER A 9 -14.04 4.25 -15.58
C SER A 9 -14.99 3.08 -15.78
N ALA A 10 -15.77 2.89 -14.73
CA ALA A 10 -16.84 1.88 -14.70
C ALA A 10 -17.57 2.02 -13.36
N SER A 11 -18.66 2.77 -13.48
CA SER A 11 -19.59 3.01 -12.38
C SER A 11 -20.74 2.00 -12.50
N GLY A 12 -20.81 1.20 -11.46
CA GLY A 12 -21.82 0.14 -11.29
C GLY A 12 -22.10 0.08 -9.77
N SER A 13 -23.35 0.28 -9.46
CA SER A 13 -23.82 0.25 -8.07
C SER A 13 -24.14 -1.16 -7.63
N LEU A 14 -23.84 -1.40 -6.37
CA LEU A 14 -24.15 -2.64 -5.63
C LEU A 14 -25.26 -3.41 -6.31
N GLY A 15 -24.89 -4.58 -6.83
CA GLY A 15 -25.92 -5.32 -7.67
C GLY A 15 -25.91 -4.89 -9.12
N GLN A 16 -26.47 -3.74 -9.44
CA GLN A 16 -26.64 -3.12 -10.75
C GLN A 16 -25.77 -3.67 -11.87
N SER A 17 -24.56 -4.02 -11.54
CA SER A 17 -23.63 -4.80 -12.34
C SER A 17 -22.71 -3.94 -13.19
N VAL A 18 -21.57 -4.57 -13.47
CA VAL A 18 -20.54 -3.89 -14.31
C VAL A 18 -19.96 -4.90 -15.29
N THR A 19 -19.27 -4.32 -16.26
CA THR A 19 -18.70 -5.04 -17.41
C THR A 19 -17.67 -4.10 -18.04
N ILE A 20 -16.51 -4.65 -18.31
CA ILE A 20 -15.35 -3.94 -18.83
C ILE A 20 -15.12 -4.40 -20.27
N SER A 21 -14.65 -3.51 -21.12
CA SER A 21 -14.18 -3.91 -22.45
C SER A 21 -12.66 -3.96 -22.50
N CYS A 22 -12.15 -5.02 -23.13
CA CYS A 22 -10.73 -5.09 -23.57
C CYS A 22 -10.73 -5.24 -25.09
N THR A 23 -10.26 -4.20 -25.79
CA THR A 23 -10.11 -4.34 -27.26
C THR A 23 -8.67 -4.09 -27.70
N GLY A 24 -8.13 -5.00 -28.48
CA GLY A 24 -6.83 -4.80 -29.19
C GLY A 24 -7.13 -4.94 -30.69
N THR A 25 -6.45 -5.90 -31.31
CA THR A 25 -6.70 -6.29 -32.69
C THR A 25 -6.43 -7.77 -32.93
N SER A 26 -6.86 -8.21 -34.09
CA SER A 26 -6.62 -9.54 -34.64
C SER A 26 -5.27 -10.12 -34.24
N SER A 27 -4.23 -9.33 -34.35
CA SER A 27 -2.85 -9.70 -34.10
C SER A 27 -2.55 -10.17 -32.67
N ASP A 28 -3.56 -10.10 -31.82
CA ASP A 28 -3.38 -10.32 -30.37
C ASP A 28 -4.67 -10.81 -29.73
N VAL A 29 -5.76 -10.18 -30.07
CA VAL A 29 -7.12 -10.51 -29.61
C VAL A 29 -7.99 -10.79 -30.86
N GLY A 30 -8.06 -12.06 -31.16
CA GLY A 30 -8.76 -12.53 -32.39
C GLY A 30 -7.80 -13.63 -32.93
N GLY A 31 -6.56 -13.15 -32.99
CA GLY A 31 -5.43 -14.15 -32.93
C GLY A 31 -5.42 -14.46 -31.40
N TYR A 32 -5.09 -15.69 -31.09
CA TYR A 32 -4.91 -16.18 -29.74
C TYR A 32 -6.13 -15.91 -28.84
N ASN A 33 -6.15 -16.68 -27.77
CA ASN A 33 -7.21 -16.62 -26.75
C ASN A 33 -6.52 -16.58 -25.38
N TYR A 34 -6.08 -15.36 -25.07
CA TYR A 34 -5.22 -15.12 -23.91
C TYR A 34 -5.38 -13.67 -23.45
N VAL A 35 -6.63 -13.32 -23.22
CA VAL A 35 -6.95 -12.06 -22.53
C VAL A 35 -6.84 -12.45 -21.04
N SER A 36 -6.09 -11.62 -20.34
CA SER A 36 -5.95 -11.78 -18.88
C SER A 36 -6.60 -10.53 -18.27
N TRP A 37 -6.84 -10.65 -16.99
CA TRP A 37 -7.41 -9.56 -16.18
C TRP A 37 -6.77 -9.56 -14.78
N TYR A 38 -6.12 -8.45 -14.51
CA TYR A 38 -5.45 -8.21 -13.21
C TYR A 38 -6.14 -7.02 -12.53
N GLN A 39 -6.21 -7.13 -11.21
CA GLN A 39 -6.73 -5.97 -10.42
C GLN A 39 -5.64 -5.48 -9.46
N GLN A 40 -5.55 -4.17 -9.41
CA GLN A 40 -4.55 -3.45 -8.60
C GLN A 40 -5.31 -2.35 -7.85
N HIS A 41 -5.30 -2.52 -6.52
CA HIS A 41 -5.94 -1.53 -5.63
C HIS A 41 -4.95 -0.37 -5.49
N ALA A 42 -5.45 0.80 -5.19
CA ALA A 42 -4.59 2.01 -5.09
C ALA A 42 -3.25 1.58 -4.50
N GLY A 43 -2.24 1.74 -5.35
CA GLY A 43 -0.85 1.42 -4.99
C GLY A 43 -0.75 0.06 -4.33
N LYS A 44 -1.18 -0.97 -5.04
CA LYS A 44 -1.11 -2.37 -4.63
C LYS A 44 -0.63 -3.20 -5.82
N ALA A 45 -0.26 -4.44 -5.54
CA ALA A 45 0.09 -5.40 -6.60
C ALA A 45 -1.16 -6.08 -7.15
N PRO A 46 -1.05 -6.49 -8.42
CA PRO A 46 -2.07 -7.25 -9.12
C PRO A 46 -2.41 -8.61 -8.55
N LYS A 47 -3.70 -8.91 -8.54
CA LYS A 47 -4.17 -10.32 -8.44
C LYS A 47 -4.59 -10.72 -9.87
N VAL A 48 -4.21 -11.92 -10.23
CA VAL A 48 -4.59 -12.49 -11.56
C VAL A 48 -5.95 -13.15 -11.29
N ILE A 49 -6.94 -12.63 -11.98
CA ILE A 49 -8.35 -12.97 -11.62
C ILE A 49 -8.96 -13.75 -12.76
N ILE A 50 -8.56 -13.40 -13.97
CA ILE A 50 -8.87 -14.12 -15.19
C ILE A 50 -7.57 -14.30 -16.00
N TYR A 51 -7.51 -15.48 -16.55
CA TYR A 51 -6.48 -15.91 -17.50
C TYR A 51 -7.18 -16.90 -18.45
N GLU A 52 -6.53 -17.21 -19.55
CA GLU A 52 -7.05 -18.11 -20.57
C GLU A 52 -8.54 -17.87 -20.81
N VAL A 53 -8.82 -16.69 -21.30
CA VAL A 53 -10.08 -16.10 -21.67
C VAL A 53 -11.04 -15.91 -20.49
N ASN A 54 -11.54 -17.02 -19.95
CA ASN A 54 -12.51 -16.94 -18.85
C ASN A 54 -12.24 -17.87 -17.69
N LYS A 55 -11.02 -18.31 -17.50
CA LYS A 55 -10.66 -19.14 -16.32
C LYS A 55 -10.12 -18.29 -15.17
N ARG A 56 -10.46 -18.72 -13.96
CA ARG A 56 -10.16 -18.03 -12.72
C ARG A 56 -9.20 -18.86 -11.85
N PRO A 57 -8.40 -18.10 -11.09
CA PRO A 57 -7.50 -18.69 -10.09
C PRO A 57 -8.24 -19.27 -8.89
N SER A 58 -7.50 -20.07 -8.13
CA SER A 58 -8.05 -20.69 -6.91
C SER A 58 -8.06 -19.59 -5.84
N GLY A 59 -9.22 -18.99 -5.71
CA GLY A 59 -9.37 -17.79 -4.85
C GLY A 59 -9.49 -16.57 -5.78
N VAL A 60 -10.57 -16.58 -6.50
CA VAL A 60 -11.13 -15.49 -7.27
C VAL A 60 -12.65 -15.68 -7.05
N PRO A 61 -13.26 -14.62 -6.56
CA PRO A 61 -14.70 -14.63 -6.32
C PRO A 61 -15.49 -15.02 -7.54
N ASP A 62 -16.37 -15.94 -7.28
CA ASP A 62 -17.40 -16.55 -8.09
C ASP A 62 -18.07 -15.63 -9.09
N ARG A 63 -18.10 -14.34 -8.80
CA ARG A 63 -18.93 -13.36 -9.54
C ARG A 63 -18.15 -12.57 -10.58
N PHE A 64 -16.83 -12.78 -10.58
CA PHE A 64 -15.99 -12.19 -11.65
C PHE A 64 -16.06 -13.21 -12.80
N SER A 65 -16.47 -12.68 -13.92
CA SER A 65 -16.62 -13.49 -15.14
C SER A 65 -15.91 -12.68 -16.24
N GLY A 66 -15.91 -13.26 -17.41
CA GLY A 66 -15.32 -12.66 -18.60
C GLY A 66 -15.99 -13.27 -19.84
N SER A 67 -15.75 -12.56 -20.90
CA SER A 67 -16.29 -12.85 -22.23
C SER A 67 -15.24 -12.33 -23.22
N LYS A 68 -15.52 -12.61 -24.46
CA LYS A 68 -14.71 -12.16 -25.61
C LYS A 68 -15.63 -12.30 -26.82
N SER A 69 -15.42 -11.45 -27.77
CA SER A 69 -16.16 -11.43 -29.04
C SER A 69 -15.16 -10.87 -30.08
N GLY A 70 -14.50 -11.81 -30.73
CA GLY A 70 -13.55 -11.43 -31.79
C GLY A 70 -12.40 -10.64 -31.15
N ASN A 71 -12.52 -9.33 -31.17
CA ASN A 71 -11.43 -8.47 -30.64
C ASN A 71 -11.83 -7.87 -29.29
N THR A 72 -13.10 -8.02 -28.95
CA THR A 72 -13.64 -7.37 -27.76
C THR A 72 -13.86 -8.39 -26.65
N ALA A 73 -12.79 -8.54 -25.89
CA ALA A 73 -12.87 -9.36 -24.65
C ALA A 73 -13.52 -8.42 -23.61
N SER A 74 -13.86 -8.99 -22.46
CA SER A 74 -14.62 -8.23 -21.45
C SER A 74 -14.62 -8.92 -20.11
N LEU A 75 -14.55 -8.06 -19.08
CA LEU A 75 -14.71 -8.59 -17.71
C LEU A 75 -16.17 -8.28 -17.34
N THR A 76 -16.78 -9.23 -16.65
CA THR A 76 -18.09 -8.92 -16.04
C THR A 76 -17.99 -9.06 -14.53
N VAL A 77 -18.60 -8.07 -13.90
CA VAL A 77 -18.65 -7.97 -12.44
C VAL A 77 -20.14 -8.14 -12.09
N SER A 78 -20.35 -9.41 -11.72
CA SER A 78 -21.71 -9.85 -11.36
C SER A 78 -22.11 -9.22 -10.04
N GLY A 79 -22.84 -8.13 -10.19
CA GLY A 79 -23.50 -7.46 -9.08
C GLY A 79 -22.58 -6.94 -8.01
N LEU A 80 -21.65 -6.09 -8.39
CA LEU A 80 -20.76 -5.34 -7.56
C LEU A 80 -21.00 -5.48 -6.04
N GLN A 81 -19.89 -5.72 -5.40
CA GLN A 81 -19.73 -5.72 -3.94
C GLN A 81 -18.58 -4.83 -3.46
N ALA A 82 -18.61 -3.58 -3.91
CA ALA A 82 -17.82 -2.44 -3.50
C ALA A 82 -16.39 -2.61 -3.05
N GLU A 83 -16.09 -3.69 -2.35
CA GLU A 83 -14.72 -3.99 -1.90
C GLU A 83 -13.86 -3.83 -3.17
N ASP A 84 -14.52 -4.35 -4.22
CA ASP A 84 -13.67 -4.39 -5.50
C ASP A 84 -13.44 -3.04 -6.11
N GLU A 85 -13.32 -1.95 -5.36
CA GLU A 85 -12.88 -0.69 -6.06
C GLU A 85 -11.38 -0.85 -6.27
N ALA A 86 -11.06 -0.92 -7.56
CA ALA A 86 -9.68 -1.07 -8.02
C ALA A 86 -9.44 -0.38 -9.36
N ASP A 87 -8.30 -0.85 -9.87
CA ASP A 87 -7.85 -0.64 -11.25
C ASP A 87 -7.74 -2.05 -11.87
N TYR A 88 -8.57 -2.23 -12.88
CA TYR A 88 -8.51 -3.47 -13.69
C TYR A 88 -7.51 -3.31 -14.80
N TYR A 89 -7.20 -4.39 -15.48
CA TYR A 89 -6.26 -4.45 -16.60
C TYR A 89 -6.47 -5.74 -17.44
N CYS A 90 -6.50 -5.56 -18.74
CA CYS A 90 -6.55 -6.71 -19.69
C CYS A 90 -5.15 -6.92 -20.26
N SER A 91 -5.00 -8.01 -21.01
CA SER A 91 -3.68 -8.23 -21.71
C SER A 91 -3.74 -9.45 -22.60
N SER A 92 -2.93 -9.40 -23.66
CA SER A 92 -2.95 -10.45 -24.68
C SER A 92 -1.56 -10.72 -25.25
N TYR A 93 -1.37 -12.00 -25.51
CA TYR A 93 -0.16 -12.53 -26.16
C TYR A 93 -0.19 -12.01 -27.60
N GLU A 94 1.01 -11.82 -28.13
CA GLU A 94 1.17 -11.44 -29.55
C GLU A 94 2.24 -12.32 -30.15
N GLY A 95 2.27 -13.55 -29.63
CA GLY A 95 3.34 -14.52 -29.98
C GLY A 95 4.68 -13.92 -29.56
N SER A 96 5.72 -14.40 -30.22
CA SER A 96 7.10 -13.98 -29.97
C SER A 96 7.42 -13.76 -28.51
N ASP A 97 6.80 -14.56 -27.66
CA ASP A 97 6.80 -14.49 -26.21
C ASP A 97 6.74 -13.05 -25.69
N ASN A 98 5.84 -12.26 -26.23
CA ASN A 98 5.58 -10.91 -25.71
C ASN A 98 4.07 -10.70 -25.62
N PHE A 99 3.71 -9.98 -24.55
CA PHE A 99 2.32 -9.73 -24.15
C PHE A 99 2.16 -8.20 -24.00
N VAL A 100 0.98 -7.74 -24.35
CA VAL A 100 0.71 -6.28 -24.30
C VAL A 100 -0.61 -6.08 -23.59
N PHE A 101 -0.63 -5.05 -22.74
CA PHE A 101 -1.70 -4.80 -21.79
C PHE A 101 -2.73 -3.75 -22.23
N GLY A 102 -3.78 -3.76 -21.40
CA GLY A 102 -4.89 -2.80 -21.50
C GLY A 102 -4.51 -1.55 -20.69
N THR A 103 -5.05 -0.43 -21.12
CA THR A 103 -4.85 0.89 -20.54
C THR A 103 -5.38 1.00 -19.13
N GLY A 104 -6.32 0.14 -18.75
CA GLY A 104 -6.81 0.03 -17.37
C GLY A 104 -8.17 0.65 -17.18
N THR A 105 -8.82 0.19 -16.09
CA THR A 105 -10.20 0.74 -15.82
C THR A 105 -10.40 0.93 -14.34
N LYS A 106 -10.66 2.18 -13.94
CA LYS A 106 -11.03 2.43 -12.52
C LYS A 106 -12.54 2.20 -12.35
N VAL A 107 -12.81 1.31 -11.38
CA VAL A 107 -14.25 0.90 -11.21
C VAL A 107 -14.81 1.46 -9.92
N THR A 108 -15.42 2.63 -10.06
CA THR A 108 -15.99 3.35 -8.90
C THR A 108 -17.46 3.01 -8.72
N VAL A 109 -17.72 2.28 -7.64
CA VAL A 109 -19.07 1.80 -7.30
C VAL A 109 -19.71 2.69 -6.23
N LEU A 110 -20.96 3.11 -6.48
CA LEU A 110 -21.71 3.87 -5.50
C LEU A 110 -22.90 3.13 -4.88
N GLY A 111 -23.11 3.55 -3.63
CA GLY A 111 -24.13 3.00 -2.74
C GLY A 111 -23.43 2.52 -1.47
N GLN A 112 -22.14 2.80 -1.41
CA GLN A 112 -21.39 2.56 -0.14
C GLN A 112 -21.91 3.65 0.81
N PRO A 113 -22.45 3.17 1.91
CA PRO A 113 -23.00 4.08 2.94
C PRO A 113 -21.85 4.91 3.47
N LYS A 114 -22.19 6.09 3.96
CA LYS A 114 -21.17 7.06 4.38
C LYS A 114 -20.85 6.94 5.86
N ALA A 115 -19.55 6.99 6.16
CA ALA A 115 -19.04 6.75 7.50
C ALA A 115 -18.35 7.98 8.08
N ASN A 116 -18.56 8.12 9.38
CA ASN A 116 -18.03 9.20 10.21
C ASN A 116 -16.85 8.62 11.01
N PRO A 117 -15.81 9.44 11.15
CA PRO A 117 -14.48 8.92 11.43
C PRO A 117 -14.14 8.71 12.89
N THR A 118 -13.87 7.44 13.15
CA THR A 118 -13.33 7.00 14.48
C THR A 118 -11.99 7.72 14.62
N VAL A 119 -12.09 8.81 15.39
CA VAL A 119 -10.94 9.65 15.73
C VAL A 119 -10.44 9.30 17.15
N THR A 120 -9.15 9.07 17.17
CA THR A 120 -8.43 8.78 18.43
C THR A 120 -7.30 9.80 18.60
N LEU A 121 -7.20 10.36 19.81
CA LEU A 121 -6.03 11.19 20.15
C LEU A 121 -5.10 10.39 21.07
N PHE A 122 -3.80 10.66 20.89
CA PHE A 122 -2.78 9.98 21.70
C PHE A 122 -1.97 10.97 22.54
N PRO A 123 -1.60 10.46 23.71
CA PRO A 123 -0.49 11.03 24.50
C PRO A 123 0.89 10.53 24.08
N PRO A 124 1.85 11.45 24.05
CA PRO A 124 3.26 11.23 23.75
C PRO A 124 3.91 9.95 24.16
N SER A 125 4.05 9.70 25.44
CA SER A 125 4.59 8.52 26.06
C SER A 125 5.96 8.72 26.72
N SER A 126 6.08 8.04 27.85
CA SER A 126 7.21 7.81 28.70
C SER A 126 8.58 7.75 28.05
N GLU A 127 8.75 6.84 27.10
CA GLU A 127 10.01 6.69 26.35
C GLU A 127 10.33 7.91 25.49
N GLU A 128 9.30 8.21 24.70
CA GLU A 128 9.32 9.30 23.72
C GLU A 128 9.84 10.54 24.44
N LEU A 129 9.29 10.71 25.64
CA LEU A 129 9.73 11.76 26.56
C LEU A 129 11.07 11.49 27.21
N GLN A 130 11.44 10.25 27.48
CA GLN A 130 12.74 9.97 28.14
C GLN A 130 13.86 10.59 27.25
N ALA A 131 13.50 10.80 25.98
CA ALA A 131 14.54 11.37 25.08
C ALA A 131 14.44 12.87 24.94
N ASN A 132 13.42 13.45 25.52
CA ASN A 132 13.14 14.90 25.50
C ASN A 132 12.42 15.28 24.20
N LYS A 133 11.45 14.44 23.88
CA LYS A 133 10.72 14.47 22.59
C LYS A 133 9.23 14.29 22.85
N ALA A 134 8.39 14.96 22.04
CA ALA A 134 6.93 14.79 22.25
C ALA A 134 6.12 14.96 20.99
N THR A 135 5.78 13.83 20.37
CA THR A 135 4.83 13.85 19.26
C THR A 135 3.45 13.47 19.82
N LEU A 136 2.43 14.18 19.34
CA LEU A 136 1.03 13.80 19.56
C LEU A 136 0.53 13.39 18.14
N VAL A 137 -0.22 12.32 18.15
CA VAL A 137 -0.85 11.77 16.95
C VAL A 137 -2.37 11.72 17.10
N CYS A 138 -3.01 12.29 16.09
CA CYS A 138 -4.46 12.21 15.89
C CYS A 138 -4.72 11.21 14.74
N LEU A 139 -5.31 10.08 15.12
CA LEU A 139 -5.65 9.01 14.21
C LEU A 139 -7.12 9.02 13.78
N ILE A 140 -7.32 9.39 12.54
CA ILE A 140 -8.62 9.49 11.88
C ILE A 140 -8.83 8.21 11.05
N SER A 141 -9.92 7.49 11.28
CA SER A 141 -10.10 6.21 10.57
C SER A 141 -11.56 5.85 10.31
N ASP A 142 -11.70 4.93 9.36
CA ASP A 142 -12.93 4.25 9.00
C ASP A 142 -14.07 5.18 8.63
N PHE A 143 -13.71 6.15 7.80
CA PHE A 143 -14.65 7.10 7.24
C PHE A 143 -14.71 6.89 5.72
N TYR A 144 -15.90 7.21 5.24
CA TYR A 144 -16.12 7.22 3.76
C TYR A 144 -17.17 8.30 3.50
N PRO A 145 -16.99 9.16 2.51
CA PRO A 145 -15.88 9.25 1.60
C PRO A 145 -14.65 9.87 2.23
N GLY A 146 -13.51 9.64 1.60
CA GLY A 146 -12.22 10.15 1.98
C GLY A 146 -11.96 11.64 1.89
N ALA A 147 -12.76 12.46 2.53
CA ALA A 147 -12.53 13.90 2.70
C ALA A 147 -12.64 14.26 4.18
N VAL A 148 -11.53 14.65 4.77
CA VAL A 148 -11.52 15.19 6.13
C VAL A 148 -10.64 16.46 6.16
N THR A 149 -10.90 17.28 7.15
CA THR A 149 -9.91 18.33 7.52
C THR A 149 -9.47 17.98 8.94
N VAL A 150 -8.27 18.40 9.28
CA VAL A 150 -7.65 18.12 10.57
C VAL A 150 -6.98 19.41 11.07
N ALA A 151 -7.57 19.90 12.13
CA ALA A 151 -7.14 21.09 12.84
C ALA A 151 -6.64 20.67 14.23
N TRP A 152 -5.77 21.51 14.75
CA TRP A 152 -5.32 21.37 16.12
C TRP A 152 -5.52 22.73 16.84
N LYS A 153 -5.83 22.49 18.10
CA LYS A 153 -6.20 23.54 19.04
C LYS A 153 -5.28 23.41 20.25
N ALA A 154 -4.29 24.29 20.20
CA ALA A 154 -3.42 24.61 21.32
C ALA A 154 -4.30 25.42 22.31
N ASP A 155 -4.72 24.67 23.30
CA ASP A 155 -5.74 25.14 24.28
C ASP A 155 -6.99 25.46 23.49
N GLY A 156 -7.62 26.59 23.62
CA GLY A 156 -8.88 26.85 22.86
C GLY A 156 -8.52 27.58 21.58
N SER A 157 -7.22 27.55 21.28
CA SER A 157 -6.73 28.43 20.17
C SER A 157 -6.08 27.55 19.13
N PRO A 158 -5.95 28.09 17.93
CA PRO A 158 -5.55 27.24 16.79
C PRO A 158 -4.04 27.11 16.75
N VAL A 159 -3.64 26.07 16.02
CA VAL A 159 -2.22 25.78 15.76
C VAL A 159 -2.10 25.12 14.38
N LYS A 160 -1.05 25.58 13.76
CA LYS A 160 -0.64 25.19 12.40
C LYS A 160 0.76 24.59 12.56
N ALA A 161 1.67 25.49 12.91
CA ALA A 161 3.07 25.22 13.14
C ALA A 161 3.50 23.77 12.87
N GLY A 162 3.47 22.97 13.92
CA GLY A 162 4.02 21.63 13.93
C GLY A 162 3.11 20.54 13.44
N VAL A 163 2.21 20.82 12.51
CA VAL A 163 1.31 19.82 11.95
C VAL A 163 1.93 19.16 10.71
N GLU A 164 1.46 17.92 10.52
CA GLU A 164 1.76 17.10 9.33
C GLU A 164 0.62 16.07 9.24
N THR A 165 -0.28 16.31 8.31
CA THR A 165 -1.49 15.51 8.14
C THR A 165 -1.37 14.66 6.87
N THR A 166 -1.38 13.34 7.05
CA THR A 166 -1.34 12.55 5.76
C THR A 166 -2.67 12.68 5.04
N LYS A 167 -2.71 12.13 3.84
CA LYS A 167 -3.91 12.07 2.98
C LYS A 167 -4.46 10.65 3.04
N PRO A 168 -5.77 10.54 3.11
CA PRO A 168 -6.46 9.30 3.48
C PRO A 168 -6.16 8.11 2.61
N SER A 169 -5.79 6.99 3.23
CA SER A 169 -5.53 5.74 2.45
C SER A 169 -6.73 4.81 2.57
N LYS A 170 -7.04 4.15 1.45
CA LYS A 170 -8.12 3.13 1.45
C LYS A 170 -7.62 2.02 2.39
N GLN A 171 -8.54 1.45 3.13
CA GLN A 171 -8.21 0.29 4.00
C GLN A 171 -8.70 -0.96 3.22
N SER A 172 -9.04 -1.97 3.97
CA SER A 172 -9.78 -3.13 3.40
C SER A 172 -11.25 -2.81 3.73
N ASN A 173 -11.69 -1.85 2.94
CA ASN A 173 -13.04 -1.24 2.99
C ASN A 173 -12.87 0.04 2.17
N ASN A 174 -13.91 0.68 1.70
CA ASN A 174 -13.75 2.02 1.05
C ASN A 174 -13.86 2.97 2.27
N LYS A 175 -13.04 2.59 3.22
CA LYS A 175 -12.90 3.35 4.47
C LYS A 175 -11.44 3.83 4.39
N TYR A 176 -11.22 4.99 4.98
CA TYR A 176 -9.88 5.61 4.85
C TYR A 176 -9.22 5.70 6.20
N ALA A 177 -7.95 6.07 6.16
CA ALA A 177 -7.23 6.43 7.41
C ALA A 177 -6.38 7.66 7.11
N ALA A 178 -6.43 8.68 7.96
CA ALA A 178 -5.66 9.90 7.76
C ALA A 178 -4.98 10.56 8.95
N SER A 179 -3.84 10.04 9.39
CA SER A 179 -3.06 10.43 10.53
C SER A 179 -2.22 11.68 10.51
N SER A 180 -2.67 12.66 11.33
CA SER A 180 -1.92 13.93 11.53
C SER A 180 -1.18 13.94 12.86
N TYR A 181 -0.01 14.59 12.85
CA TYR A 181 0.77 14.77 14.07
C TYR A 181 1.14 16.24 14.29
N LEU A 182 1.40 16.47 15.57
CA LEU A 182 1.93 17.74 16.10
C LEU A 182 3.22 17.27 16.81
N SER A 183 4.32 17.94 16.53
CA SER A 183 5.60 17.52 17.14
C SER A 183 6.14 18.66 17.97
N LEU A 184 5.95 18.54 19.28
CA LEU A 184 6.44 19.52 20.24
C LEU A 184 7.55 18.97 21.14
N THR A 185 8.02 19.92 21.95
CA THR A 185 8.99 19.70 23.01
C THR A 185 8.21 19.42 24.30
N PRO A 186 8.91 18.82 25.24
CA PRO A 186 8.35 18.60 26.60
C PRO A 186 7.92 19.95 27.18
N GLU A 187 8.83 20.90 27.09
CA GLU A 187 8.64 22.30 27.45
C GLU A 187 7.51 22.97 26.68
N GLN A 188 6.97 22.30 25.69
CA GLN A 188 5.81 22.79 24.91
C GLN A 188 4.56 22.11 25.49
N TRP A 189 4.71 20.82 25.68
CA TRP A 189 3.70 19.91 26.20
C TRP A 189 3.30 20.14 27.65
N LYS A 190 4.18 20.68 28.47
CA LYS A 190 3.86 20.97 29.88
C LYS A 190 3.53 22.43 30.08
N SER A 191 4.08 23.26 29.21
CA SER A 191 3.63 24.66 29.12
C SER A 191 2.33 24.66 28.32
N HIS A 192 1.36 23.89 28.78
CA HIS A 192 0.04 23.81 28.15
C HIS A 192 -1.00 23.01 28.87
N ARG A 193 -2.24 23.49 28.81
CA ARG A 193 -3.36 23.00 29.61
C ARG A 193 -4.04 21.78 29.04
N SER A 194 -4.17 21.75 27.72
CA SER A 194 -4.78 20.66 26.96
C SER A 194 -4.23 20.77 25.52
N TYR A 195 -4.65 19.86 24.68
CA TYR A 195 -4.39 19.97 23.22
C TYR A 195 -5.48 19.18 22.49
N SER A 196 -6.16 19.84 21.55
CA SER A 196 -7.32 19.21 20.89
C SER A 196 -7.25 19.07 19.39
N CYS A 197 -7.60 17.90 18.89
CA CYS A 197 -7.66 17.54 17.48
C CYS A 197 -9.08 17.62 16.91
N GLN A 198 -9.24 18.45 15.89
CA GLN A 198 -10.54 18.73 15.26
C GLN A 198 -10.60 18.19 13.83
N VAL A 199 -11.56 17.32 13.56
CA VAL A 199 -11.70 16.58 12.30
C VAL A 199 -13.11 16.77 11.74
N THR A 200 -13.13 17.76 10.84
CA THR A 200 -14.41 18.07 10.14
C THR A 200 -14.49 17.19 8.91
N HIS A 201 -15.45 16.28 8.96
CA HIS A 201 -15.75 15.37 7.84
C HIS A 201 -17.23 15.53 7.49
N GLU A 202 -17.47 15.98 6.28
CA GLU A 202 -18.76 15.98 5.62
C GLU A 202 -19.91 16.62 6.38
N GLY A 203 -19.60 17.50 7.30
CA GLY A 203 -20.63 18.33 7.98
C GLY A 203 -20.47 18.14 9.49
N SER A 204 -19.93 16.97 9.78
CA SER A 204 -19.78 16.53 11.17
C SER A 204 -18.37 16.90 11.65
N THR A 205 -18.35 17.68 12.73
CA THR A 205 -17.09 18.03 13.39
C THR A 205 -16.89 17.16 14.64
N VAL A 206 -15.75 16.48 14.61
CA VAL A 206 -15.41 15.64 15.80
C VAL A 206 -14.14 16.27 16.35
N GLU A 207 -14.07 16.34 17.66
CA GLU A 207 -12.90 16.92 18.33
C GLU A 207 -12.59 16.05 19.53
N LYS A 208 -11.32 15.76 19.62
CA LYS A 208 -10.81 14.89 20.75
C LYS A 208 -9.78 15.76 21.44
N THR A 209 -9.73 15.77 22.76
CA THR A 209 -8.72 16.58 23.46
C THR A 209 -7.83 15.82 24.40
N VAL A 210 -6.52 15.82 24.17
CA VAL A 210 -5.56 15.21 25.09
C VAL A 210 -5.17 16.24 26.17
N ALA A 211 -5.68 15.92 27.35
CA ALA A 211 -5.25 16.56 28.59
C ALA A 211 -4.04 15.78 29.11
N PRO A 212 -2.97 16.51 29.34
CA PRO A 212 -1.74 15.94 29.89
C PRO A 212 -2.03 14.91 30.99
N THR A 213 -3.00 15.26 31.81
CA THR A 213 -3.49 14.46 32.91
C THR A 213 -3.87 13.06 32.45
N GLU A 214 -2.91 12.20 32.66
CA GLU A 214 -3.02 10.74 32.41
C GLU A 214 -1.73 10.16 32.98
N CYS A 215 -1.29 9.01 32.54
CA CYS A 215 -0.16 8.31 33.13
C CYS A 215 1.23 8.78 32.79
N SER A 216 1.89 8.04 31.91
CA SER A 216 3.34 8.10 31.74
C SER A 216 3.76 8.39 30.31
N PRO B 1 0.03 -20.63 -2.81
CA PRO B 1 0.99 -19.66 -2.22
C PRO B 1 0.81 -18.30 -2.83
N SER B 2 0.87 -17.25 -2.02
CA SER B 2 0.58 -15.89 -2.49
C SER B 2 1.67 -14.86 -2.49
N ALA B 3 2.79 -15.01 -1.80
CA ALA B 3 3.76 -13.91 -1.63
C ALA B 3 5.18 -14.15 -2.10
N LEU B 4 5.67 -13.21 -2.90
CA LEU B 4 7.07 -13.09 -3.32
C LEU B 4 7.56 -11.74 -2.72
N THR B 5 8.52 -11.88 -1.84
CA THR B 5 9.13 -10.77 -1.13
C THR B 5 10.05 -9.92 -1.99
N GLN B 6 9.57 -8.72 -2.22
CA GLN B 6 10.28 -7.66 -2.96
C GLN B 6 10.48 -6.49 -1.99
N PRO B 7 11.67 -5.94 -1.97
CA PRO B 7 11.99 -4.74 -1.21
C PRO B 7 10.90 -3.68 -1.24
N PRO B 8 11.09 -2.69 -0.38
CA PRO B 8 10.24 -1.50 -0.38
C PRO B 8 10.70 -0.38 -1.27
N SER B 9 11.98 -0.12 -1.36
CA SER B 9 12.51 1.05 -2.08
C SER B 9 13.87 0.76 -2.69
N ALA B 10 13.97 1.11 -3.96
CA ALA B 10 15.25 0.97 -4.70
C ALA B 10 15.49 2.36 -5.33
N SER B 11 16.62 2.89 -4.91
CA SER B 11 16.93 4.32 -5.10
C SER B 11 18.31 4.35 -5.76
N GLY B 12 18.40 5.30 -6.67
CA GLY B 12 19.73 5.56 -7.29
C GLY B 12 19.68 6.98 -7.88
N SER B 13 20.81 7.34 -8.42
CA SER B 13 20.93 8.66 -9.08
C SER B 13 21.12 8.36 -10.57
N LEU B 14 21.00 9.38 -11.37
CA LEU B 14 21.17 9.24 -12.82
C LEU B 14 22.57 8.71 -13.14
N GLY B 15 22.62 7.45 -13.51
CA GLY B 15 23.83 6.81 -14.05
C GLY B 15 24.32 5.74 -13.07
N GLN B 16 23.69 5.76 -11.90
CA GLN B 16 24.02 4.77 -10.86
C GLN B 16 23.29 3.49 -11.26
N SER B 17 23.61 2.38 -10.63
CA SER B 17 23.00 1.09 -11.01
C SER B 17 22.19 0.50 -9.86
N VAL B 18 20.86 0.54 -10.04
CA VAL B 18 19.94 0.01 -9.02
C VAL B 18 19.72 -1.48 -9.26
N THR B 19 19.63 -2.20 -8.16
CA THR B 19 19.36 -3.64 -8.18
C THR B 19 18.16 -3.96 -7.29
N ILE B 20 17.22 -4.63 -7.92
CA ILE B 20 15.93 -4.94 -7.29
C ILE B 20 15.88 -6.47 -7.17
N SER B 21 15.42 -6.89 -6.02
CA SER B 21 15.43 -8.31 -5.65
C SER B 21 13.97 -8.76 -5.55
N CYS B 22 13.87 -10.05 -5.65
CA CYS B 22 12.54 -10.75 -5.48
C CYS B 22 13.00 -12.11 -4.98
N THR B 23 12.88 -12.27 -3.68
CA THR B 23 13.05 -13.60 -3.05
C THR B 23 11.60 -14.01 -2.76
N GLY B 24 11.37 -15.25 -2.43
CA GLY B 24 9.96 -15.67 -2.23
C GLY B 24 9.93 -16.99 -1.48
N THR B 25 8.69 -17.41 -1.26
CA THR B 25 8.46 -18.62 -0.46
C THR B 25 9.00 -19.86 -1.17
N SER B 26 10.25 -20.07 -0.77
CA SER B 26 11.15 -21.17 -0.88
C SER B 26 10.66 -22.47 -1.44
N SER B 27 9.53 -22.93 -0.94
CA SER B 27 8.91 -24.21 -1.38
C SER B 27 8.37 -23.99 -2.79
N ASP B 28 9.32 -23.93 -3.72
CA ASP B 28 9.03 -23.58 -5.14
C ASP B 28 10.38 -23.45 -5.85
N VAL B 29 10.66 -22.27 -6.34
CA VAL B 29 11.79 -21.76 -7.02
C VAL B 29 13.05 -22.60 -7.10
N GLY B 30 13.48 -22.76 -8.36
CA GLY B 30 14.67 -23.54 -8.71
C GLY B 30 14.33 -24.41 -9.91
N GLY B 31 13.24 -25.15 -9.74
CA GLY B 31 12.69 -25.97 -10.86
C GLY B 31 11.56 -25.08 -11.44
N TYR B 32 11.84 -23.80 -11.23
CA TYR B 32 10.90 -22.70 -11.46
C TYR B 32 11.70 -21.54 -12.04
N ASN B 33 11.82 -21.58 -13.36
CA ASN B 33 12.62 -20.53 -14.03
C ASN B 33 11.76 -19.79 -15.03
N TYR B 34 10.64 -19.32 -14.49
CA TYR B 34 9.60 -18.61 -15.23
C TYR B 34 9.28 -17.25 -14.62
N VAL B 35 10.13 -16.73 -13.78
CA VAL B 35 9.94 -15.43 -13.10
C VAL B 35 10.03 -14.27 -14.07
N SER B 36 8.98 -13.44 -14.07
CA SER B 36 8.91 -12.27 -14.98
C SER B 36 8.87 -10.96 -14.20
N TRP B 37 9.60 -9.96 -14.70
CA TRP B 37 9.64 -8.62 -14.09
C TRP B 37 8.80 -7.65 -14.94
N TYR B 38 7.93 -6.95 -14.28
CA TYR B 38 7.04 -5.93 -14.79
C TYR B 38 7.52 -4.53 -14.38
N GLN B 39 6.91 -3.56 -15.03
CA GLN B 39 7.24 -2.15 -14.93
C GLN B 39 5.93 -1.35 -15.03
N GLN B 40 5.89 -0.26 -14.23
CA GLN B 40 4.76 0.68 -14.45
C GLN B 40 5.10 2.04 -13.87
N HIS B 41 4.55 3.05 -14.51
CA HIS B 41 4.71 4.45 -14.10
C HIS B 41 3.45 5.01 -13.46
N ALA B 42 3.54 6.28 -13.05
CA ALA B 42 2.39 7.04 -12.53
C ALA B 42 1.21 6.69 -13.43
N GLY B 43 0.45 5.73 -12.96
CA GLY B 43 -0.74 5.22 -13.62
C GLY B 43 -0.64 5.25 -15.14
N LYS B 44 0.44 4.63 -15.63
CA LYS B 44 0.66 4.67 -17.12
C LYS B 44 1.42 3.41 -17.52
N ALA B 45 0.64 2.44 -17.96
CA ALA B 45 1.07 1.20 -18.55
C ALA B 45 1.98 0.34 -17.67
N PRO B 46 1.38 -0.79 -17.30
CA PRO B 46 2.12 -1.87 -16.62
C PRO B 46 2.74 -2.85 -17.59
N LYS B 47 3.81 -2.39 -18.24
CA LYS B 47 4.58 -3.16 -19.23
C LYS B 47 5.32 -4.31 -18.59
N VAL B 48 5.74 -5.28 -19.39
CA VAL B 48 6.63 -6.37 -18.97
C VAL B 48 8.03 -6.03 -19.50
N ILE B 49 8.96 -5.93 -18.58
CA ILE B 49 10.34 -5.55 -18.97
C ILE B 49 11.28 -6.73 -19.04
N ILE B 50 11.00 -7.80 -18.31
CA ILE B 50 11.72 -9.06 -18.33
C ILE B 50 10.74 -10.24 -18.20
N TYR B 51 11.06 -11.31 -18.88
CA TYR B 51 10.32 -12.57 -18.80
C TYR B 51 11.31 -13.74 -18.84
N GLU B 52 10.88 -14.85 -18.27
CA GLU B 52 11.73 -16.06 -18.18
C GLU B 52 13.12 -15.64 -17.70
N VAL B 53 13.11 -15.18 -16.46
CA VAL B 53 14.23 -14.83 -15.63
C VAL B 53 15.37 -14.01 -16.17
N ASN B 54 15.40 -13.61 -17.41
CA ASN B 54 16.59 -13.01 -18.04
C ASN B 54 16.31 -12.53 -19.46
N LYS B 55 15.12 -12.84 -19.94
CA LYS B 55 14.76 -12.52 -21.33
C LYS B 55 13.98 -11.23 -21.44
N ARG B 56 14.63 -10.26 -22.09
CA ARG B 56 13.97 -9.00 -22.49
C ARG B 56 13.12 -9.31 -23.74
N PRO B 57 12.02 -8.59 -23.82
CA PRO B 57 11.19 -8.56 -25.04
C PRO B 57 11.65 -7.43 -25.96
N SER B 58 10.87 -7.26 -27.01
CA SER B 58 11.17 -6.23 -28.04
C SER B 58 10.68 -4.86 -27.59
N GLY B 59 11.58 -3.90 -27.70
CA GLY B 59 11.32 -2.49 -27.40
C GLY B 59 11.68 -2.19 -25.95
N VAL B 60 12.70 -2.90 -25.51
CA VAL B 60 13.20 -2.89 -24.12
C VAL B 60 14.72 -2.84 -24.22
N PRO B 61 15.33 -1.93 -23.49
CA PRO B 61 16.78 -1.76 -23.48
C PRO B 61 17.50 -2.82 -22.67
N ASP B 62 18.73 -3.12 -23.10
CA ASP B 62 19.57 -4.12 -22.41
C ASP B 62 20.19 -3.47 -21.15
N ARG B 63 19.68 -2.29 -20.87
CA ARG B 63 19.96 -1.55 -19.63
C ARG B 63 19.27 -2.29 -18.47
N PHE B 64 18.15 -2.90 -18.87
CA PHE B 64 17.47 -3.84 -17.94
C PHE B 64 18.15 -5.21 -18.10
N SER B 65 18.58 -5.73 -16.97
CA SER B 65 19.14 -7.11 -16.95
C SER B 65 18.34 -7.95 -15.97
N GLY B 66 18.42 -9.26 -16.12
CA GLY B 66 17.68 -10.21 -15.28
C GLY B 66 18.50 -11.43 -14.88
N SER B 67 18.30 -11.85 -13.63
CA SER B 67 18.95 -13.08 -13.13
C SER B 67 18.11 -13.76 -12.05
N LYS B 68 18.15 -15.09 -12.03
CA LYS B 68 17.49 -15.88 -10.99
C LYS B 68 18.37 -16.92 -10.32
N SER B 69 19.38 -17.37 -11.06
CA SER B 69 20.38 -18.30 -10.51
C SER B 69 20.69 -17.82 -9.08
N GLY B 70 20.35 -18.67 -8.15
CA GLY B 70 20.41 -18.37 -6.70
C GLY B 70 19.09 -18.97 -6.14
N ASN B 71 18.13 -18.08 -6.02
CA ASN B 71 16.77 -18.40 -5.57
C ASN B 71 16.05 -17.06 -5.30
N THR B 72 16.59 -16.11 -6.04
CA THR B 72 16.16 -14.71 -6.00
C THR B 72 16.30 -14.17 -7.42
N ALA B 73 15.25 -13.50 -7.84
CA ALA B 73 15.23 -12.72 -9.07
C ALA B 73 15.92 -11.39 -8.73
N SER B 74 16.77 -10.96 -9.64
CA SER B 74 17.42 -9.65 -9.52
C SER B 74 17.26 -9.00 -10.90
N LEU B 75 16.67 -7.83 -10.83
CA LEU B 75 16.51 -6.94 -11.99
C LEU B 75 17.58 -5.86 -11.78
N THR B 76 18.43 -5.71 -12.77
CA THR B 76 19.48 -4.67 -12.61
C THR B 76 19.27 -3.60 -13.68
N VAL B 77 18.88 -2.44 -13.18
CA VAL B 77 18.95 -1.24 -14.06
C VAL B 77 20.40 -0.77 -13.93
N SER B 78 21.12 -1.04 -15.02
CA SER B 78 22.54 -0.63 -15.11
C SER B 78 22.61 0.67 -15.91
N GLY B 79 23.01 1.74 -15.25
CA GLY B 79 23.09 3.07 -15.83
C GLY B 79 21.82 3.88 -15.72
N LEU B 80 21.39 4.20 -14.53
CA LEU B 80 20.12 4.82 -14.21
C LEU B 80 19.73 6.07 -15.00
N GLN B 81 18.67 5.89 -15.77
CA GLN B 81 17.95 6.95 -16.45
C GLN B 81 16.70 7.45 -15.77
N ALA B 82 16.42 8.73 -15.96
CA ALA B 82 15.26 9.47 -15.46
C ALA B 82 13.93 8.76 -15.57
N GLU B 83 13.56 8.35 -16.78
CA GLU B 83 12.28 7.72 -17.12
C GLU B 83 12.21 6.31 -16.55
N ASP B 84 13.22 5.95 -15.76
CA ASP B 84 13.28 4.63 -15.14
C ASP B 84 12.54 4.60 -13.80
N GLU B 85 12.18 5.79 -13.34
CA GLU B 85 11.33 5.83 -12.09
C GLU B 85 10.03 5.09 -12.33
N ALA B 86 9.71 4.11 -11.50
CA ALA B 86 8.50 3.27 -11.64
C ALA B 86 8.34 2.28 -10.51
N ASP B 87 7.19 1.60 -10.46
CA ASP B 87 6.94 0.57 -9.42
C ASP B 87 7.11 -0.78 -10.19
N TYR B 88 8.26 -1.31 -9.83
CA TYR B 88 8.75 -2.58 -10.40
C TYR B 88 8.03 -3.69 -9.69
N TYR B 89 7.69 -4.71 -10.50
CA TYR B 89 7.09 -5.92 -9.84
C TYR B 89 7.75 -7.15 -10.47
N CYS B 90 7.94 -8.19 -9.70
CA CYS B 90 8.28 -9.51 -10.27
C CYS B 90 7.02 -10.37 -10.09
N SER B 91 7.02 -11.53 -10.72
CA SER B 91 5.95 -12.52 -10.50
C SER B 91 6.45 -13.91 -10.91
N SER B 92 5.69 -14.92 -10.49
CA SER B 92 6.03 -16.31 -10.80
C SER B 92 4.80 -17.21 -10.88
N TYR B 93 4.79 -18.03 -11.93
CA TYR B 93 3.69 -18.93 -12.26
C TYR B 93 3.82 -20.30 -11.61
N GLU B 94 2.84 -20.55 -10.77
CA GLU B 94 2.66 -21.82 -10.03
C GLU B 94 1.85 -22.72 -10.95
N GLY B 95 0.70 -23.16 -10.49
CA GLY B 95 -0.18 -23.99 -11.34
C GLY B 95 -0.91 -23.03 -12.30
N SER B 96 -1.66 -23.63 -13.21
CA SER B 96 -2.34 -22.86 -14.26
C SER B 96 -3.26 -21.79 -13.68
N ASP B 97 -3.64 -21.93 -12.42
CA ASP B 97 -4.49 -20.85 -11.82
C ASP B 97 -3.84 -20.27 -10.57
N ASN B 98 -2.52 -20.06 -10.69
CA ASN B 98 -1.69 -19.50 -9.61
C ASN B 98 -0.57 -18.64 -10.25
N PHE B 99 -0.76 -17.35 -10.12
CA PHE B 99 0.08 -16.33 -10.80
C PHE B 99 0.43 -15.32 -9.70
N VAL B 100 1.54 -15.59 -9.02
CA VAL B 100 1.85 -14.77 -7.82
C VAL B 100 2.80 -13.61 -8.08
N PHE B 101 2.34 -12.43 -7.67
CA PHE B 101 3.05 -11.16 -7.79
C PHE B 101 3.97 -10.89 -6.58
N GLY B 102 5.00 -10.14 -6.88
CA GLY B 102 5.98 -9.67 -5.89
C GLY B 102 5.41 -8.40 -5.25
N THR B 103 5.90 -8.11 -4.05
CA THR B 103 5.31 -6.95 -3.31
C THR B 103 5.62 -5.64 -4.02
N GLY B 104 6.67 -5.63 -4.83
CA GLY B 104 6.91 -4.58 -5.80
C GLY B 104 7.63 -3.36 -5.28
N THR B 105 8.78 -3.10 -5.89
CA THR B 105 9.68 -2.03 -5.52
C THR B 105 9.47 -0.75 -6.29
N LYS B 106 9.08 0.31 -5.59
CA LYS B 106 9.17 1.69 -6.15
C LYS B 106 10.66 2.02 -6.30
N VAL B 107 11.01 2.45 -7.50
CA VAL B 107 12.36 2.94 -7.79
C VAL B 107 12.36 4.45 -8.00
N THR B 108 13.14 5.11 -7.14
CA THR B 108 13.33 6.55 -7.13
C THR B 108 14.71 6.92 -7.69
N VAL B 109 14.78 8.14 -8.21
CA VAL B 109 16.08 8.80 -8.47
C VAL B 109 16.20 9.85 -7.35
N LEU B 110 17.03 9.51 -6.39
CA LEU B 110 17.20 10.33 -5.18
C LEU B 110 17.24 11.81 -5.56
N GLY B 111 16.13 12.45 -5.28
CA GLY B 111 15.92 13.88 -5.53
C GLY B 111 16.21 14.71 -4.29
N GLN B 112 16.66 14.05 -3.25
CA GLN B 112 17.14 14.67 -2.00
C GLN B 112 18.25 13.76 -1.41
N PRO B 113 18.81 14.26 -0.34
CA PRO B 113 19.55 13.37 0.60
C PRO B 113 18.49 12.43 1.21
N LYS B 114 18.92 11.21 1.41
CA LYS B 114 18.12 10.12 1.94
C LYS B 114 17.68 10.32 3.39
N ALA B 115 16.47 9.84 3.66
CA ALA B 115 15.94 9.93 5.04
C ALA B 115 15.44 8.58 5.48
N ASN B 116 16.17 7.95 6.38
CA ASN B 116 15.66 6.72 7.04
C ASN B 116 14.60 7.20 8.04
N PRO B 117 13.54 6.42 8.17
CA PRO B 117 12.37 6.82 8.94
C PRO B 117 12.60 6.91 10.44
N THR B 118 11.71 7.69 11.07
CA THR B 118 11.64 7.77 12.55
C THR B 118 10.33 7.08 12.97
N VAL B 119 10.52 5.94 13.60
CA VAL B 119 9.43 5.06 14.05
C VAL B 119 9.09 5.58 15.45
N THR B 120 7.84 5.89 15.66
CA THR B 120 7.41 6.28 17.04
C THR B 120 6.14 5.51 17.30
N LEU B 121 6.24 4.51 18.19
CA LEU B 121 5.11 3.65 18.52
C LEU B 121 4.38 4.13 19.77
N PHE B 122 3.07 4.29 19.64
CA PHE B 122 2.21 4.63 20.78
C PHE B 122 1.48 3.40 21.29
N PRO B 123 1.39 3.32 22.62
CA PRO B 123 0.53 2.36 23.31
C PRO B 123 -0.91 2.86 23.40
N PRO B 124 -1.79 1.94 23.79
CA PRO B 124 -3.23 2.29 23.97
C PRO B 124 -3.26 3.37 25.04
N SER B 125 -3.95 4.44 24.74
CA SER B 125 -4.24 5.50 25.71
C SER B 125 -5.12 5.02 26.88
N SER B 126 -4.85 5.67 28.01
CA SER B 126 -5.55 5.52 29.27
C SER B 126 -7.07 5.50 29.03
N GLU B 127 -7.53 6.58 28.39
CA GLU B 127 -8.95 6.72 28.09
C GLU B 127 -9.45 5.66 27.13
N GLU B 128 -8.72 5.32 26.07
CA GLU B 128 -9.28 4.36 25.09
C GLU B 128 -9.59 3.06 25.87
N LEU B 129 -8.63 2.76 26.74
CA LEU B 129 -8.84 1.60 27.66
C LEU B 129 -10.10 1.83 28.49
N GLN B 130 -10.28 3.09 28.88
CA GLN B 130 -11.48 3.47 29.66
C GLN B 130 -12.72 3.28 28.80
N ALA B 131 -12.53 3.18 27.51
CA ALA B 131 -13.61 2.95 26.55
C ALA B 131 -13.76 1.47 26.20
N ASN B 132 -12.76 0.70 26.56
CA ASN B 132 -12.68 -0.73 26.28
C ASN B 132 -12.11 -0.97 24.87
N LYS B 133 -11.43 0.04 24.37
CA LYS B 133 -10.82 0.03 23.04
C LYS B 133 -9.31 -0.15 23.18
N ALA B 134 -8.71 -0.87 22.22
CA ALA B 134 -7.22 -0.98 22.26
C ALA B 134 -6.60 -0.72 20.91
N THR B 135 -6.14 0.51 20.72
CA THR B 135 -5.49 0.96 19.48
C THR B 135 -4.01 1.21 19.79
N LEU B 136 -3.15 0.36 19.23
CA LEU B 136 -1.71 0.78 19.26
C LEU B 136 -1.28 1.12 17.83
N VAL B 137 -0.75 2.33 17.74
CA VAL B 137 -0.36 3.04 16.52
C VAL B 137 1.15 3.11 16.29
N CYS B 138 1.53 2.96 15.01
CA CYS B 138 2.98 3.14 14.64
C CYS B 138 3.07 4.35 13.72
N LEU B 139 3.72 5.42 14.17
CA LEU B 139 3.86 6.62 13.35
C LEU B 139 5.20 6.53 12.62
N ILE B 140 5.17 6.84 11.34
CA ILE B 140 6.48 6.78 10.60
C ILE B 140 6.67 8.09 9.87
N SER B 141 7.84 8.71 10.14
CA SER B 141 8.05 10.04 9.53
C SER B 141 9.48 10.32 9.11
N ASP B 142 9.56 11.43 8.36
CA ASP B 142 10.77 12.06 7.86
C ASP B 142 11.65 11.10 7.07
N PHE B 143 11.03 10.36 6.18
CA PHE B 143 11.73 9.43 5.31
C PHE B 143 11.65 9.90 3.84
N TYR B 144 12.58 9.30 3.14
CA TYR B 144 12.80 9.47 1.71
C TYR B 144 13.77 8.34 1.33
N PRO B 145 13.65 7.74 0.16
CA PRO B 145 12.48 7.76 -0.71
C PRO B 145 11.26 7.20 -0.02
N GLY B 146 10.08 7.70 -0.35
CA GLY B 146 8.82 7.40 0.30
C GLY B 146 8.32 6.00 0.01
N ALA B 147 9.08 5.02 0.47
CA ALA B 147 8.72 3.61 0.43
C ALA B 147 9.07 2.99 1.80
N VAL B 148 8.10 2.27 2.35
CA VAL B 148 8.31 1.48 3.56
C VAL B 148 7.55 0.16 3.50
N THR B 149 8.07 -0.77 4.27
CA THR B 149 7.35 -2.00 4.64
C THR B 149 7.15 -1.92 6.16
N VAL B 150 5.96 -2.20 6.62
CA VAL B 150 5.65 -2.20 8.04
C VAL B 150 5.18 -3.61 8.45
N ALA B 151 5.91 -4.18 9.40
CA ALA B 151 5.37 -5.36 10.11
C ALA B 151 4.98 -4.95 11.53
N TRP B 152 4.12 -5.77 12.10
CA TRP B 152 3.79 -5.76 13.54
C TRP B 152 4.10 -7.15 14.11
N LYS B 153 4.70 -7.20 15.30
CA LYS B 153 4.83 -8.48 16.00
C LYS B 153 4.22 -8.40 17.41
N ALA B 154 3.75 -9.54 17.87
CA ALA B 154 3.32 -9.73 19.27
C ALA B 154 4.20 -10.84 19.88
N ASP B 155 5.10 -10.39 20.76
CA ASP B 155 5.92 -11.35 21.53
C ASP B 155 6.77 -12.31 20.74
N GLY B 156 7.07 -11.97 19.50
CA GLY B 156 7.87 -12.85 18.62
C GLY B 156 7.15 -13.02 17.28
N SER B 157 5.93 -13.51 17.39
CA SER B 157 5.14 -13.82 16.18
C SER B 157 4.51 -12.60 15.53
N PRO B 158 4.53 -12.59 14.20
CA PRO B 158 3.98 -11.50 13.40
C PRO B 158 2.47 -11.38 13.57
N VAL B 159 2.01 -10.16 13.69
CA VAL B 159 0.62 -9.79 13.78
C VAL B 159 0.20 -9.41 12.33
N LYS B 160 -0.55 -10.33 11.80
CA LYS B 160 -1.09 -10.27 10.44
C LYS B 160 -2.45 -9.57 10.51
N ALA B 161 -3.26 -10.12 11.40
CA ALA B 161 -4.67 -9.73 11.54
C ALA B 161 -4.77 -8.44 12.32
N GLY B 162 -5.70 -7.61 11.92
CA GLY B 162 -5.98 -6.32 12.49
C GLY B 162 -5.06 -5.20 12.11
N VAL B 163 -4.30 -5.33 11.05
CA VAL B 163 -3.33 -4.29 10.66
C VAL B 163 -3.90 -3.39 9.56
N GLU B 164 -3.49 -2.11 9.59
CA GLU B 164 -3.92 -1.21 8.46
C GLU B 164 -2.95 -0.06 8.38
N THR B 165 -2.40 0.17 7.19
CA THR B 165 -1.38 1.16 6.90
C THR B 165 -1.88 2.24 5.92
N THR B 166 -1.32 3.41 6.12
CA THR B 166 -1.48 4.60 5.28
C THR B 166 -0.55 4.67 4.08
N LYS B 167 -0.78 5.65 3.23
CA LYS B 167 0.01 6.00 2.04
C LYS B 167 1.02 7.11 2.37
N PRO B 168 2.25 6.92 1.93
CA PRO B 168 3.35 7.85 2.24
C PRO B 168 3.08 9.21 1.63
N SER B 169 2.56 10.11 2.45
CA SER B 169 2.30 11.50 2.04
C SER B 169 3.49 12.44 2.17
N LYS B 170 3.59 13.28 1.14
CA LYS B 170 4.56 14.36 1.04
C LYS B 170 4.30 15.34 2.20
N GLN B 171 5.40 15.77 2.79
CA GLN B 171 5.29 16.78 3.88
C GLN B 171 6.19 17.96 3.58
N SER B 172 5.80 19.09 4.08
CA SER B 172 6.50 20.36 4.03
C SER B 172 7.99 20.31 3.92
N ASN B 173 8.71 19.57 4.74
CA ASN B 173 10.18 19.49 4.69
C ASN B 173 10.65 18.64 3.49
N ASN B 174 9.71 18.19 2.72
CA ASN B 174 9.93 17.46 1.47
C ASN B 174 10.41 16.03 1.74
N LYS B 175 10.31 15.62 2.99
CA LYS B 175 10.36 14.18 3.34
C LYS B 175 8.92 13.66 3.29
N TYR B 176 8.71 12.44 3.75
CA TYR B 176 7.39 11.82 3.77
C TYR B 176 7.06 11.26 5.17
N ALA B 177 5.77 10.92 5.27
CA ALA B 177 5.27 10.23 6.48
C ALA B 177 4.18 9.23 6.11
N ALA B 178 4.04 8.22 6.94
CA ALA B 178 2.98 7.20 6.91
C ALA B 178 2.58 6.83 8.34
N SER B 179 1.80 5.78 8.47
CA SER B 179 1.28 5.31 9.76
C SER B 179 0.59 3.95 9.65
N SER B 180 0.81 3.13 10.65
CA SER B 180 0.03 1.89 10.81
C SER B 180 -0.78 1.99 12.12
N TYR B 181 -1.67 1.02 12.21
CA TYR B 181 -2.47 0.84 13.44
C TYR B 181 -2.80 -0.65 13.58
N LEU B 182 -3.12 -0.98 14.82
CA LEU B 182 -3.66 -2.31 15.16
C LEU B 182 -4.76 -2.12 16.21
N SER B 183 -5.82 -2.91 16.07
CA SER B 183 -7.06 -2.83 16.83
C SER B 183 -7.35 -4.07 17.65
N LEU B 184 -7.28 -3.97 18.95
CA LEU B 184 -7.46 -5.08 19.88
C LEU B 184 -8.57 -4.80 20.91
N THR B 185 -8.87 -5.90 21.59
CA THR B 185 -9.56 -5.87 22.90
C THR B 185 -8.51 -5.73 24.01
N PRO B 186 -8.87 -4.98 25.05
CA PRO B 186 -7.98 -4.72 26.19
C PRO B 186 -7.27 -5.97 26.66
N GLU B 187 -8.05 -7.03 26.71
CA GLU B 187 -7.62 -8.43 26.92
C GLU B 187 -6.44 -8.74 26.03
N GLN B 188 -6.74 -8.73 24.73
CA GLN B 188 -5.76 -9.00 23.66
C GLN B 188 -4.45 -8.32 24.05
N TRP B 189 -4.61 -7.04 24.29
CA TRP B 189 -3.48 -6.14 24.70
C TRP B 189 -2.69 -6.70 25.86
N LYS B 190 -3.29 -6.74 27.03
CA LYS B 190 -2.62 -7.13 28.27
C LYS B 190 -2.10 -8.54 28.38
N SER B 191 -2.64 -9.48 27.63
CA SER B 191 -2.18 -10.89 27.72
C SER B 191 -0.90 -11.13 26.91
N HIS B 192 -0.02 -10.14 26.90
CA HIS B 192 1.14 -10.11 26.00
C HIS B 192 2.26 -9.25 26.59
N ARG B 193 3.48 -9.71 26.36
CA ARG B 193 4.66 -9.05 26.97
C ARG B 193 4.88 -7.71 26.29
N SER B 194 5.12 -7.81 25.00
CA SER B 194 5.38 -6.68 24.12
C SER B 194 4.64 -6.78 22.79
N TYR B 195 4.36 -5.60 22.24
CA TYR B 195 3.94 -5.47 20.83
C TYR B 195 5.05 -4.64 20.18
N SER B 196 5.56 -5.10 19.07
CA SER B 196 6.53 -4.27 18.31
C SER B 196 5.98 -3.87 16.95
N CYS B 197 6.29 -2.64 16.56
CA CYS B 197 6.12 -2.17 15.18
C CYS B 197 7.52 -2.11 14.55
N GLN B 198 7.72 -2.82 13.44
CA GLN B 198 9.06 -2.71 12.79
C GLN B 198 8.95 -2.34 11.32
N VAL B 199 9.54 -1.19 10.98
CA VAL B 199 9.45 -0.62 9.64
C VAL B 199 10.78 -0.60 8.90
N THR B 200 10.70 -1.26 7.76
CA THR B 200 11.75 -1.47 6.77
C THR B 200 11.70 -0.37 5.72
N HIS B 201 12.87 0.15 5.45
CA HIS B 201 13.09 1.22 4.45
C HIS B 201 14.43 0.90 3.80
N GLU B 202 14.37 0.52 2.53
CA GLU B 202 15.58 0.03 1.83
C GLU B 202 16.12 -1.13 2.64
N GLY B 203 17.15 -0.84 3.42
CA GLY B 203 17.88 -1.89 4.15
C GLY B 203 18.26 -1.36 5.54
N SER B 204 17.48 -0.39 5.96
CA SER B 204 17.47 0.04 7.37
C SER B 204 16.06 -0.43 7.83
N THR B 205 16.12 -0.87 9.04
CA THR B 205 14.91 -1.42 9.69
C THR B 205 14.94 -0.80 11.08
N VAL B 206 13.76 -0.42 11.54
CA VAL B 206 13.67 -0.10 12.99
C VAL B 206 12.57 -1.03 13.50
N GLU B 207 12.73 -1.38 14.75
CA GLU B 207 11.76 -2.22 15.45
C GLU B 207 11.58 -1.66 16.87
N LYS B 208 10.37 -1.17 17.10
CA LYS B 208 10.07 -0.51 18.38
C LYS B 208 8.89 -1.17 19.07
N THR B 209 9.20 -1.54 20.30
CA THR B 209 8.36 -2.26 21.23
C THR B 209 7.60 -1.36 22.20
N VAL B 210 6.43 -1.86 22.57
CA VAL B 210 5.48 -1.26 23.49
C VAL B 210 4.83 -2.39 24.31
N ALA B 211 5.24 -2.37 25.57
CA ALA B 211 4.74 -3.31 26.58
C ALA B 211 3.58 -2.66 27.32
N PRO B 212 2.59 -3.49 27.60
CA PRO B 212 1.44 -3.11 28.41
C PRO B 212 1.75 -2.90 29.88
N THR B 213 1.13 -1.87 30.42
CA THR B 213 1.16 -1.49 31.82
C THR B 213 -0.28 -1.26 32.32
N GLU B 214 -0.38 -1.04 33.63
CA GLU B 214 -1.63 -0.59 34.24
C GLU B 214 -1.92 0.88 34.27
N CYS B 215 -1.00 1.77 33.97
CA CYS B 215 -1.24 3.24 33.90
C CYS B 215 -1.65 3.74 35.31
N SER B 216 -2.79 3.22 35.68
CA SER B 216 -3.22 3.08 37.09
C SER B 216 -2.61 1.72 37.50
C ACE C 1 5.71 -16.33 -19.19
O ACE C 1 6.15 -16.01 -18.07
CH3 ACE C 1 6.60 -16.61 -20.38
N DHI C 2 4.40 -16.38 -19.45
CA DHI C 2 3.39 -16.21 -18.45
C DHI C 2 2.46 -15.01 -18.56
O DHI C 2 1.22 -15.18 -18.53
CB DHI C 2 2.44 -17.46 -18.44
CG DHI C 2 2.09 -18.00 -19.79
ND1 DHI C 2 1.64 -19.28 -20.01
CD2 DHI C 2 2.17 -17.44 -21.03
CE1 DHI C 2 1.46 -19.47 -21.32
NE2 DHI C 2 1.77 -18.37 -21.94
N PRO C 3 3.00 -13.80 -18.72
CA PRO C 3 2.29 -12.55 -18.38
C PRO C 3 0.93 -12.29 -18.95
N NH2 C 4 0.09 -13.24 -19.33
#